data_8B1Z
#
_entry.id   8B1Z
#
_cell.length_a   68.610
_cell.length_b   73.964
_cell.length_c   77.115
_cell.angle_alpha   90.000
_cell.angle_beta   90.000
_cell.angle_gamma   90.000
#
_symmetry.space_group_name_H-M   'P 21 21 21'
#
loop_
_entity.id
_entity.type
_entity.pdbx_description
1 polymer 'Beta-lactamase NDM-1'
2 non-polymer 'ZINC ION'
3 non-polymer 'CALCIUM ION'
4 non-polymer '3-[(~{E})-[3-sulfanyl-5-[4-(trifluoromethyl)phenyl]-1,2,4-triazol-4-yl]iminomethyl]benzoic acid'
5 non-polymer '4-(2-HYDROXYETHYL)-1-PIPERAZINE ETHANESULFONIC ACID'
6 non-polymer 'PENTAETHYLENE GLYCOL'
7 non-polymer 1,2-ETHANEDIOL
8 water water
#
_entity_poly.entity_id   1
_entity_poly.type   'polypeptide(L)'
_entity_poly.pdbx_seq_one_letter_code
;GEIRPTIGQQMETGDQRFGDLVFRQLAPNVWQHTSYLDMPGFGAVASNGLIVRDGGRVLVVDTAWTDDQTAQILNWIKQE
INLPVALAVVTHAHQDKMGGMDALHAAGIATYANALSNQLAPQEGMVAAQHSLTFAANGWVEPATAPNFGPLKVFYPGPG
HTSDNITVGIDGTDIAFGGCLIKDSKAKSLGNLGDADTEHYAASARAFGAAFPKASMIVMSHSAPDSRAAITHTARMADK
LR
;
_entity_poly.pdbx_strand_id   A,B
#
loop_
_chem_comp.id
_chem_comp.type
_chem_comp.name
_chem_comp.formula
1PE non-polymer 'PENTAETHYLENE GLYCOL' 'C10 H22 O6'
CA non-polymer 'CALCIUM ION' 'Ca 2'
EDO non-polymer 1,2-ETHANEDIOL 'C2 H6 O2'
EPE non-polymer '4-(2-HYDROXYETHYL)-1-PIPERAZINE ETHANESULFONIC ACID' 'C8 H18 N2 O4 S'
ORL non-polymer '3-[(~{E})-[3-sulfanyl-5-[4-(trifluoromethyl)phenyl]-1,2,4-triazol-4-yl]iminomethyl]benzoic acid' 'C17 H11 F3 N4 O2 S'
ZN non-polymer 'ZINC ION' 'Zn 2'
#
# COMPACT_ATOMS: atom_id res chain seq x y z
N GLU A 12 -15.24 -23.19 24.72
CA GLU A 12 -14.29 -23.05 25.86
C GLU A 12 -14.14 -24.38 26.59
N THR A 13 -13.17 -25.20 26.15
CA THR A 13 -12.70 -26.34 26.92
C THR A 13 -11.25 -26.59 26.52
N GLY A 14 -10.35 -26.52 27.52
CA GLY A 14 -8.93 -26.41 27.23
C GLY A 14 -8.45 -24.95 27.22
N ASP A 15 -9.37 -23.97 27.02
CA ASP A 15 -8.99 -22.56 27.06
C ASP A 15 -8.47 -22.15 28.44
N GLN A 16 -7.47 -21.26 28.45
CA GLN A 16 -6.89 -20.74 29.68
C GLN A 16 -7.21 -19.25 29.73
N ARG A 17 -7.33 -18.70 30.94
CA ARG A 17 -7.64 -17.29 31.07
C ARG A 17 -6.55 -16.63 31.90
N PHE A 18 -6.15 -15.43 31.52
CA PHE A 18 -5.27 -14.60 32.33
C PHE A 18 -5.87 -13.19 32.34
N GLY A 19 -6.46 -12.78 33.47
CA GLY A 19 -7.16 -11.50 33.49
C GLY A 19 -8.35 -11.53 32.54
N ASP A 20 -8.32 -10.61 31.58
CA ASP A 20 -9.37 -10.54 30.56
C ASP A 20 -9.05 -11.35 29.29
N LEU A 21 -7.87 -11.96 29.21
CA LEU A 21 -7.43 -12.60 27.97
C LEU A 21 -7.72 -14.09 28.02
N VAL A 22 -8.06 -14.66 26.86
CA VAL A 22 -8.26 -16.10 26.73
C VAL A 22 -7.21 -16.65 25.76
N PHE A 23 -6.68 -17.83 26.07
CA PHE A 23 -5.64 -18.46 25.29
C PHE A 23 -6.04 -19.88 24.92
N ARG A 24 -5.76 -20.24 23.67
CA ARG A 24 -6.16 -21.56 23.19
C ARG A 24 -5.00 -22.14 22.41
N GLN A 25 -4.60 -23.38 22.76
CA GLN A 25 -3.49 -23.96 22.03
C GLN A 25 -3.99 -24.48 20.69
N LEU A 26 -3.27 -24.12 19.62
CA LEU A 26 -3.62 -24.55 18.27
C LEU A 26 -2.70 -25.65 17.77
N ALA A 27 -1.47 -25.72 18.28
CA ALA A 27 -0.49 -26.68 17.80
C ALA A 27 0.55 -26.73 18.90
N PRO A 28 1.48 -27.71 18.91
CA PRO A 28 2.41 -27.83 20.03
C PRO A 28 3.12 -26.52 20.40
N ASN A 29 3.38 -25.69 19.39
CA ASN A 29 4.13 -24.48 19.69
C ASN A 29 3.33 -23.23 19.29
N VAL A 30 2.01 -23.35 19.17
CA VAL A 30 1.24 -22.18 18.73
C VAL A 30 -0.01 -22.00 19.58
N TRP A 31 -0.23 -20.76 20.06
CA TRP A 31 -1.46 -20.43 20.78
C TRP A 31 -2.16 -19.25 20.13
N GLN A 32 -3.48 -19.19 20.31
CA GLN A 32 -4.24 -18.03 19.90
C GLN A 32 -4.51 -17.22 21.15
N HIS A 33 -4.26 -15.89 21.10
CA HIS A 33 -4.73 -14.98 22.17
C HIS A 33 -6.03 -14.30 21.73
N THR A 34 -6.94 -14.09 22.68
CA THR A 34 -8.19 -13.45 22.34
C THR A 34 -8.55 -12.43 23.42
N SER A 35 -8.86 -11.19 22.98
CA SER A 35 -9.29 -10.12 23.90
C SER A 35 -10.62 -9.57 23.39
N TYR A 36 -11.35 -8.91 24.30
CA TYR A 36 -12.70 -8.50 23.94
C TYR A 36 -12.92 -7.04 24.26
N LEU A 37 -13.79 -6.42 23.44
CA LEU A 37 -14.21 -5.04 23.56
C LEU A 37 -15.74 -5.05 23.42
N ASP A 38 -16.43 -4.47 24.41
CA ASP A 38 -17.87 -4.26 24.39
C ASP A 38 -18.17 -3.10 23.44
N MET A 39 -18.94 -3.38 22.37
CA MET A 39 -19.33 -2.37 21.39
C MET A 39 -20.86 -2.28 21.31
N PRO A 40 -21.42 -1.08 20.99
CA PRO A 40 -22.86 -0.79 20.99
C PRO A 40 -23.89 -1.78 20.44
N GLY A 41 -23.58 -2.41 19.31
CA GLY A 41 -24.55 -3.29 18.68
C GLY A 41 -24.12 -4.75 18.73
N PHE A 42 -22.82 -4.99 18.62
CA PHE A 42 -22.29 -6.33 18.46
C PHE A 42 -22.13 -7.03 19.81
N GLY A 43 -22.13 -6.23 20.89
CA GLY A 43 -21.81 -6.73 22.22
C GLY A 43 -20.30 -6.93 22.34
N ALA A 44 -19.89 -8.00 23.04
CA ALA A 44 -18.49 -8.39 23.18
C ALA A 44 -17.94 -8.82 21.83
N VAL A 45 -16.90 -8.15 21.34
CA VAL A 45 -16.30 -8.48 20.07
C VAL A 45 -14.89 -8.99 20.35
N ALA A 46 -14.57 -10.18 19.83
CA ALA A 46 -13.27 -10.81 20.02
C ALA A 46 -12.27 -10.20 19.02
N SER A 47 -11.01 -10.07 19.44
CA SER A 47 -9.88 -9.89 18.52
C SER A 47 -8.84 -10.96 18.84
N ASN A 48 -8.45 -11.72 17.82
CA ASN A 48 -7.51 -12.83 17.99
C ASN A 48 -6.16 -12.45 17.39
N GLY A 49 -5.11 -12.92 18.07
CA GLY A 49 -3.79 -12.96 17.43
C GLY A 49 -3.08 -14.24 17.83
N LEU A 50 -1.75 -14.30 17.63
CA LEU A 50 -1.01 -15.55 17.75
C LEU A 50 0.23 -15.38 18.61
N ILE A 51 0.56 -16.49 19.32
CA ILE A 51 1.81 -16.61 20.07
C ILE A 51 2.51 -17.83 19.52
N VAL A 52 3.81 -17.71 19.24
CA VAL A 52 4.53 -18.81 18.62
C VAL A 52 5.80 -19.06 19.41
N ARG A 53 5.98 -20.27 19.93
CA ARG A 53 7.26 -20.64 20.52
C ARG A 53 8.20 -21.20 19.45
N ASP A 54 9.39 -20.61 19.35
CA ASP A 54 10.36 -20.91 18.31
C ASP A 54 11.71 -21.14 18.99
N GLY A 55 12.00 -22.39 19.31
CA GLY A 55 13.21 -22.66 20.09
C GLY A 55 13.14 -22.01 21.47
N GLY A 56 14.11 -21.15 21.78
CA GLY A 56 14.23 -20.51 23.09
C GLY A 56 13.60 -19.11 23.11
N ARG A 57 12.73 -18.82 22.12
CA ARG A 57 12.14 -17.48 22.09
C ARG A 57 10.67 -17.57 21.71
N VAL A 58 9.92 -16.51 22.02
CA VAL A 58 8.51 -16.42 21.65
C VAL A 58 8.34 -15.27 20.65
N LEU A 59 7.45 -15.49 19.68
CA LEU A 59 7.09 -14.44 18.71
C LEU A 59 5.59 -14.19 18.85
N VAL A 60 5.19 -12.91 18.71
CA VAL A 60 3.80 -12.53 18.89
C VAL A 60 3.29 -11.91 17.59
N VAL A 61 2.07 -12.31 17.20
CA VAL A 61 1.39 -11.66 16.09
C VAL A 61 0.16 -10.96 16.66
N ASP A 62 0.15 -9.62 16.48
CA ASP A 62 -0.94 -8.70 16.84
C ASP A 62 -1.01 -8.40 18.34
N THR A 63 -1.38 -7.13 18.64
CA THR A 63 -1.64 -6.81 20.05
C THR A 63 -3.09 -7.21 20.36
N ALA A 64 -3.47 -6.97 21.62
CA ALA A 64 -4.88 -6.93 21.96
C ALA A 64 -5.45 -5.53 21.71
N TRP A 65 -6.73 -5.35 22.09
CA TRP A 65 -7.38 -4.08 21.82
C TRP A 65 -6.73 -2.90 22.56
N THR A 66 -6.23 -3.18 23.75
CA THR A 66 -5.72 -2.13 24.64
C THR A 66 -4.32 -2.48 25.14
N ASP A 67 -3.61 -1.45 25.64
CA ASP A 67 -2.34 -1.70 26.31
C ASP A 67 -2.48 -2.63 27.52
N ASP A 68 -3.48 -2.40 28.38
CA ASP A 68 -3.62 -3.25 29.55
C ASP A 68 -3.84 -4.73 29.16
N GLN A 69 -4.71 -4.97 28.19
CA GLN A 69 -4.93 -6.32 27.69
C GLN A 69 -3.64 -6.90 27.11
N THR A 70 -2.89 -6.06 26.41
CA THR A 70 -1.66 -6.56 25.80
C THR A 70 -0.62 -6.95 26.86
N ALA A 71 -0.50 -6.14 27.95
CA ALA A 71 0.36 -6.55 29.06
C ALA A 71 -0.09 -7.90 29.63
N GLN A 72 -1.38 -8.19 29.61
CA GLN A 72 -1.84 -9.48 30.10
C GLN A 72 -1.33 -10.63 29.23
N ILE A 73 -1.30 -10.45 27.91
CA ILE A 73 -0.71 -11.46 27.06
C ILE A 73 0.73 -11.71 27.50
N LEU A 74 1.49 -10.62 27.69
CA LEU A 74 2.91 -10.81 27.95
C LEU A 74 3.14 -11.52 29.29
N ASN A 75 2.28 -11.20 30.27
CA ASN A 75 2.45 -11.81 31.58
C ASN A 75 2.07 -13.27 31.54
N TRP A 76 1.05 -13.64 30.75
CA TRP A 76 0.71 -15.04 30.54
C TRP A 76 1.91 -15.74 29.89
N ILE A 77 2.52 -15.11 28.88
CA ILE A 77 3.64 -15.77 28.23
C ILE A 77 4.75 -16.03 29.26
N LYS A 78 5.02 -15.01 30.07
CA LYS A 78 6.12 -15.10 31.02
C LYS A 78 5.85 -16.25 32.01
N GLN A 79 4.61 -16.30 32.48
CA GLN A 79 4.24 -17.25 33.53
C GLN A 79 4.14 -18.66 32.97
N GLU A 80 3.66 -18.83 31.72
CA GLU A 80 3.30 -20.14 31.21
C GLU A 80 4.32 -20.75 30.25
N ILE A 81 5.04 -19.90 29.51
CA ILE A 81 6.02 -20.41 28.56
C ILE A 81 7.42 -20.15 29.09
N ASN A 82 7.59 -18.99 29.73
CA ASN A 82 8.82 -18.57 30.38
C ASN A 82 9.99 -18.53 29.39
N LEU A 83 9.78 -17.86 28.26
CA LEU A 83 10.83 -17.61 27.29
C LEU A 83 10.68 -16.16 26.86
N PRO A 84 11.78 -15.49 26.48
CA PRO A 84 11.72 -14.07 26.14
C PRO A 84 10.93 -13.90 24.84
N VAL A 85 10.17 -12.80 24.75
CA VAL A 85 9.48 -12.48 23.50
C VAL A 85 10.47 -11.67 22.66
N ALA A 86 10.87 -12.23 21.51
CA ALA A 86 11.91 -11.63 20.68
C ALA A 86 11.35 -10.50 19.84
N LEU A 87 10.14 -10.67 19.30
CA LEU A 87 9.61 -9.66 18.41
C LEU A 87 8.10 -9.88 18.31
N ALA A 88 7.46 -8.81 17.85
CA ALA A 88 6.04 -8.90 17.52
C ALA A 88 5.84 -8.30 16.15
N VAL A 89 4.87 -8.86 15.40
CA VAL A 89 4.50 -8.27 14.12
C VAL A 89 3.02 -7.91 14.24
N VAL A 90 2.62 -6.73 13.75
CA VAL A 90 1.23 -6.31 13.83
C VAL A 90 0.71 -6.16 12.39
N THR A 91 -0.57 -6.53 12.16
CA THR A 91 -1.01 -6.85 10.81
C THR A 91 -1.77 -5.74 10.06
N HIS A 92 -2.29 -4.73 10.77
CA HIS A 92 -2.70 -3.47 10.14
C HIS A 92 -2.93 -2.40 11.20
N ALA A 93 -3.04 -1.15 10.76
CA ALA A 93 -3.02 -0.03 11.69
C ALA A 93 -4.42 0.34 12.21
N HIS A 94 -5.11 -0.61 12.85
CA HIS A 94 -6.35 -0.31 13.55
C HIS A 94 -6.23 -0.82 14.99
N GLN A 95 -7.17 -0.39 15.84
N GLN A 95 -7.18 -0.38 15.82
CA GLN A 95 -7.01 -0.57 17.28
CA GLN A 95 -7.14 -0.55 17.26
C GLN A 95 -7.01 -2.04 17.68
C GLN A 95 -7.02 -2.01 17.65
N ASP A 96 -7.72 -2.89 16.93
CA ASP A 96 -7.73 -4.31 17.33
C ASP A 96 -6.36 -4.98 17.22
N LYS A 97 -5.52 -4.51 16.29
CA LYS A 97 -4.24 -5.15 16.02
C LYS A 97 -3.09 -4.32 16.56
N MET A 98 -3.26 -3.00 16.71
CA MET A 98 -2.16 -2.13 17.14
C MET A 98 -2.49 -1.36 18.41
N GLY A 99 -3.64 -1.66 19.01
CA GLY A 99 -4.09 -0.95 20.20
C GLY A 99 -3.09 -1.01 21.36
N GLY A 100 -2.32 -2.10 21.44
CA GLY A 100 -1.43 -2.31 22.58
C GLY A 100 0.06 -2.12 22.29
N MET A 101 0.41 -1.26 21.31
CA MET A 101 1.81 -1.08 20.96
C MET A 101 2.64 -0.56 22.13
N ASP A 102 2.09 0.39 22.90
CA ASP A 102 2.85 0.90 24.04
C ASP A 102 3.24 -0.22 25.02
N ALA A 103 2.36 -1.20 25.24
CA ALA A 103 2.68 -2.31 26.14
C ALA A 103 3.82 -3.18 25.61
N LEU A 104 3.84 -3.42 24.28
CA LEU A 104 4.94 -4.20 23.71
C LEU A 104 6.23 -3.42 23.94
N HIS A 105 6.15 -2.11 23.71
CA HIS A 105 7.36 -1.30 23.77
C HIS A 105 7.89 -1.27 25.20
N ALA A 106 7.01 -1.13 26.17
CA ALA A 106 7.40 -1.07 27.58
C ALA A 106 8.07 -2.37 28.02
N ALA A 107 7.69 -3.49 27.37
CA ALA A 107 8.22 -4.81 27.69
C ALA A 107 9.56 -5.09 27.02
N GLY A 108 10.06 -4.15 26.20
CA GLY A 108 11.34 -4.32 25.52
C GLY A 108 11.27 -5.18 24.25
N ILE A 109 10.07 -5.30 23.65
CA ILE A 109 9.89 -6.18 22.50
C ILE A 109 10.11 -5.37 21.23
N ALA A 110 10.87 -5.93 20.28
CA ALA A 110 11.07 -5.28 18.99
C ALA A 110 9.80 -5.44 18.16
N THR A 111 9.29 -4.36 17.58
CA THR A 111 8.01 -4.43 16.90
C THR A 111 8.17 -4.10 15.42
N TYR A 112 7.39 -4.81 14.60
CA TYR A 112 7.48 -4.69 13.14
C TYR A 112 6.07 -4.58 12.59
N ALA A 113 5.93 -3.77 11.53
CA ALA A 113 4.65 -3.58 10.85
C ALA A 113 4.99 -3.23 9.41
N ASN A 114 4.09 -3.50 8.50
CA ASN A 114 4.24 -2.95 7.16
C ASN A 114 4.59 -1.44 7.25
N ALA A 115 5.50 -1.00 6.40
CA ALA A 115 5.84 0.41 6.31
C ALA A 115 4.57 1.26 6.22
N LEU A 116 3.61 0.84 5.39
CA LEU A 116 2.40 1.63 5.23
C LEU A 116 1.60 1.66 6.55
N SER A 117 1.59 0.58 7.33
CA SER A 117 0.91 0.62 8.62
C SER A 117 1.56 1.68 9.52
N ASN A 118 2.89 1.74 9.50
CA ASN A 118 3.57 2.75 10.31
C ASN A 118 3.28 4.17 9.81
N GLN A 119 3.14 4.35 8.49
CA GLN A 119 2.79 5.65 7.92
C GLN A 119 1.37 6.07 8.31
N LEU A 120 0.44 5.11 8.32
CA LEU A 120 -0.95 5.41 8.62
C LEU A 120 -1.16 5.57 10.13
N ALA A 121 -0.28 4.98 10.95
CA ALA A 121 -0.55 4.88 12.37
C ALA A 121 -0.93 6.22 12.99
N PRO A 122 -0.17 7.34 12.81
CA PRO A 122 -0.53 8.63 13.44
C PRO A 122 -1.95 9.09 13.09
N GLN A 123 -2.34 8.94 11.82
CA GLN A 123 -3.68 9.30 11.38
C GLN A 123 -4.77 8.46 12.07
N GLU A 124 -4.42 7.22 12.47
CA GLU A 124 -5.39 6.30 13.04
C GLU A 124 -5.37 6.38 14.57
N GLY A 125 -4.50 7.23 15.14
CA GLY A 125 -4.33 7.31 16.58
C GLY A 125 -3.62 6.09 17.18
N MET A 126 -2.81 5.41 16.37
CA MET A 126 -2.05 4.25 16.82
C MET A 126 -0.60 4.68 16.96
N VAL A 127 0.15 3.98 17.81
CA VAL A 127 1.59 4.11 17.94
C VAL A 127 2.26 3.26 16.87
N ALA A 128 3.20 3.82 16.09
CA ALA A 128 3.87 3.02 15.05
C ALA A 128 4.80 1.99 15.70
N ALA A 129 5.06 0.92 14.93
CA ALA A 129 6.07 -0.08 15.29
C ALA A 129 7.45 0.59 15.13
N GLN A 130 8.44 -0.05 15.74
CA GLN A 130 9.82 0.44 15.74
C GLN A 130 10.45 0.21 14.38
N HIS A 131 9.96 -0.78 13.62
CA HIS A 131 10.59 -1.15 12.36
C HIS A 131 9.52 -1.35 11.30
N SER A 132 9.93 -1.09 10.06
CA SER A 132 9.04 -1.23 8.92
C SER A 132 9.42 -2.43 8.07
N LEU A 133 8.43 -3.27 7.74
CA LEU A 133 8.55 -4.31 6.73
C LEU A 133 8.23 -3.72 5.35
N THR A 134 9.03 -4.14 4.37
CA THR A 134 8.68 -3.86 2.99
C THR A 134 8.56 -5.19 2.23
N PHE A 135 7.91 -5.09 1.07
CA PHE A 135 7.40 -6.26 0.35
C PHE A 135 7.90 -6.19 -1.09
N ALA A 136 8.16 -7.36 -1.65
CA ALA A 136 8.47 -7.51 -3.07
C ALA A 136 7.18 -7.34 -3.87
N ALA A 137 7.32 -7.25 -5.20
CA ALA A 137 6.14 -7.15 -6.06
C ALA A 137 5.29 -8.41 -6.03
N ASN A 138 5.86 -9.55 -5.58
CA ASN A 138 5.05 -10.76 -5.51
C ASN A 138 4.41 -10.94 -4.13
N GLY A 139 4.60 -9.95 -3.27
CA GLY A 139 3.89 -9.94 -2.00
C GLY A 139 4.71 -10.45 -0.81
N TRP A 140 5.81 -11.15 -1.09
CA TRP A 140 6.52 -11.70 0.06
C TRP A 140 7.38 -10.63 0.72
N VAL A 141 7.51 -10.69 2.04
CA VAL A 141 8.34 -9.71 2.73
C VAL A 141 9.77 -9.78 2.23
N GLU A 142 10.39 -8.59 2.11
CA GLU A 142 11.83 -8.55 1.85
C GLU A 142 12.55 -9.06 3.09
N PRO A 143 13.34 -10.16 2.98
CA PRO A 143 13.95 -10.76 4.15
C PRO A 143 14.82 -9.85 4.99
N ALA A 144 15.46 -8.85 4.36
CA ALA A 144 16.37 -7.97 5.07
C ALA A 144 15.60 -7.10 6.05
N THR A 145 14.28 -6.95 5.84
CA THR A 145 13.45 -6.10 6.70
C THR A 145 12.76 -6.93 7.79
N ALA A 146 12.88 -8.26 7.69
CA ALA A 146 12.28 -9.17 8.67
C ALA A 146 13.35 -10.12 9.17
N PRO A 147 14.41 -9.64 9.85
CA PRO A 147 15.51 -10.52 10.21
C PRO A 147 15.10 -11.46 11.36
N ASN A 148 15.53 -12.72 11.27
CA ASN A 148 15.38 -13.63 12.40
C ASN A 148 13.91 -13.86 12.71
N PHE A 149 13.09 -13.98 11.66
CA PHE A 149 11.67 -14.19 11.90
C PHE A 149 11.33 -15.67 12.12
N GLY A 150 12.34 -16.55 12.07
CA GLY A 150 12.09 -17.95 12.35
C GLY A 150 11.03 -18.51 11.42
N PRO A 151 9.99 -19.17 11.98
CA PRO A 151 8.94 -19.82 11.18
C PRO A 151 7.88 -18.87 10.65
N LEU A 152 7.95 -17.57 11.03
CA LEU A 152 6.89 -16.66 10.59
C LEU A 152 7.18 -16.25 9.15
N LYS A 153 6.24 -16.54 8.27
CA LYS A 153 6.38 -16.16 6.87
C LYS A 153 5.38 -15.05 6.58
N VAL A 154 5.90 -13.84 6.33
CA VAL A 154 5.00 -12.70 6.24
C VAL A 154 4.71 -12.38 4.77
N PHE A 155 3.41 -12.22 4.44
CA PHE A 155 2.95 -12.03 3.07
C PHE A 155 1.97 -10.85 3.03
N TYR A 156 2.21 -9.93 2.09
CA TYR A 156 1.27 -8.85 1.83
C TYR A 156 0.42 -9.23 0.62
N PRO A 157 -0.90 -9.47 0.81
CA PRO A 157 -1.70 -10.03 -0.28
C PRO A 157 -2.28 -9.00 -1.23
N GLY A 158 -2.09 -7.73 -0.92
CA GLY A 158 -2.75 -6.66 -1.66
C GLY A 158 -3.83 -6.03 -0.80
N PRO A 159 -4.34 -4.87 -1.23
CA PRO A 159 -5.34 -4.12 -0.47
C PRO A 159 -6.65 -4.88 -0.33
N GLY A 160 -7.26 -4.76 0.86
CA GLY A 160 -8.48 -5.51 1.12
C GLY A 160 -9.31 -4.80 2.17
N HIS A 161 -9.20 -5.27 3.41
CA HIS A 161 -9.77 -4.59 4.54
C HIS A 161 -9.19 -3.18 4.65
N THR A 162 -7.86 -3.10 4.50
CA THR A 162 -7.18 -1.82 4.38
C THR A 162 -6.08 -1.94 3.34
N SER A 163 -5.44 -0.80 3.04
CA SER A 163 -4.42 -0.92 2.01
C SER A 163 -3.17 -1.60 2.59
N ASP A 164 -3.04 -1.60 3.93
CA ASP A 164 -1.80 -2.05 4.57
C ASP A 164 -1.86 -3.45 5.16
N ASN A 165 -3.02 -4.11 5.09
CA ASN A 165 -3.15 -5.43 5.76
C ASN A 165 -2.16 -6.49 5.30
N ILE A 166 -1.52 -7.17 6.27
CA ILE A 166 -0.58 -8.25 5.99
C ILE A 166 -1.07 -9.53 6.67
N THR A 167 -0.47 -10.63 6.24
CA THR A 167 -0.85 -11.95 6.76
C THR A 167 0.41 -12.74 7.09
N VAL A 168 0.22 -13.82 7.85
CA VAL A 168 1.41 -14.53 8.29
C VAL A 168 1.12 -16.03 8.28
N GLY A 169 2.08 -16.82 7.82
CA GLY A 169 1.95 -18.28 7.90
C GLY A 169 3.00 -18.81 8.88
N ILE A 170 2.72 -19.95 9.49
CA ILE A 170 3.68 -20.45 10.45
C ILE A 170 4.31 -21.73 9.88
N ASP A 171 5.58 -21.64 9.49
CA ASP A 171 6.24 -22.79 8.91
C ASP A 171 6.27 -23.94 9.90
N GLY A 172 6.03 -25.16 9.40
CA GLY A 172 6.08 -26.34 10.26
C GLY A 172 4.72 -26.62 10.91
N THR A 173 3.71 -25.82 10.54
CA THR A 173 2.38 -26.03 11.07
C THR A 173 1.41 -26.03 9.92
N ASP A 174 0.14 -26.26 10.25
CA ASP A 174 -0.93 -26.17 9.29
C ASP A 174 -1.57 -24.79 9.30
N ILE A 175 -0.94 -23.79 9.94
CA ILE A 175 -1.67 -22.59 10.33
C ILE A 175 -1.26 -21.43 9.45
N ALA A 176 -2.26 -20.70 8.96
CA ALA A 176 -1.99 -19.40 8.36
C ALA A 176 -2.96 -18.42 8.97
N PHE A 177 -2.50 -17.16 9.17
CA PHE A 177 -3.31 -16.16 9.85
C PHE A 177 -3.63 -15.06 8.84
N GLY A 178 -4.92 -14.88 8.57
CA GLY A 178 -5.34 -13.89 7.59
C GLY A 178 -5.61 -12.52 8.24
N GLY A 179 -5.48 -12.44 9.57
CA GLY A 179 -5.80 -11.23 10.29
C GLY A 179 -7.21 -10.78 9.94
N CYS A 180 -7.38 -9.50 9.64
CA CYS A 180 -8.73 -9.00 9.48
C CYS A 180 -9.20 -9.08 8.02
N LEU A 181 -8.33 -9.56 7.15
CA LEU A 181 -8.71 -9.63 5.74
C LEU A 181 -9.68 -10.80 5.56
N ILE A 182 -9.51 -11.88 6.35
CA ILE A 182 -10.33 -13.06 6.15
C ILE A 182 -11.43 -13.14 7.20
N LYS A 183 -12.67 -13.36 6.71
CA LYS A 183 -13.78 -13.60 7.61
C LYS A 183 -14.17 -15.08 7.53
N ASP A 184 -14.89 -15.53 8.57
CA ASP A 184 -15.20 -16.96 8.62
C ASP A 184 -16.28 -17.31 7.62
N SER A 185 -16.45 -18.64 7.40
CA SER A 185 -17.26 -19.14 6.29
C SER A 185 -18.75 -18.90 6.57
N LYS A 186 -19.08 -18.46 7.80
CA LYS A 186 -20.46 -18.14 8.15
C LYS A 186 -20.74 -16.63 8.19
N ALA A 187 -19.73 -15.78 7.91
CA ALA A 187 -19.86 -14.33 8.02
C ALA A 187 -20.89 -13.79 7.02
N LYS A 188 -21.58 -12.70 7.37
CA LYS A 188 -22.64 -12.18 6.52
C LYS A 188 -22.14 -11.03 5.64
N SER A 189 -21.03 -10.40 6.05
CA SER A 189 -20.50 -9.30 5.24
C SER A 189 -19.06 -9.02 5.63
N LEU A 190 -18.44 -8.05 4.92
CA LEU A 190 -17.05 -7.76 5.17
C LEU A 190 -16.87 -6.55 6.08
N GLY A 191 -17.90 -5.70 6.19
CA GLY A 191 -17.80 -4.54 7.06
C GLY A 191 -16.81 -3.49 6.53
N ASN A 192 -16.70 -3.39 5.20
CA ASN A 192 -15.79 -2.42 4.60
C ASN A 192 -16.18 -1.00 4.94
N LEU A 193 -15.17 -0.17 5.26
CA LEU A 193 -15.31 1.28 5.43
C LEU A 193 -14.57 1.95 4.27
N GLY A 194 -14.34 3.27 4.36
CA GLY A 194 -13.83 4.03 3.22
C GLY A 194 -12.37 3.69 2.89
N ASP A 195 -11.70 3.01 3.84
CA ASP A 195 -10.33 2.60 3.62
C ASP A 195 -10.21 1.17 3.06
N ALA A 196 -11.33 0.48 2.87
CA ALA A 196 -11.24 -0.82 2.22
C ALA A 196 -11.09 -0.62 0.73
N ASP A 197 -10.36 -1.51 0.08
CA ASP A 197 -10.29 -1.47 -1.37
C ASP A 197 -11.23 -2.54 -1.94
N THR A 198 -12.41 -2.08 -2.33
CA THR A 198 -13.41 -3.05 -2.74
C THR A 198 -13.10 -3.62 -4.13
N GLU A 199 -12.27 -2.94 -4.93
CA GLU A 199 -11.90 -3.45 -6.25
C GLU A 199 -11.00 -4.70 -6.13
N HIS A 200 -10.05 -4.70 -5.17
CA HIS A 200 -8.99 -5.69 -5.11
C HIS A 200 -9.19 -6.70 -3.98
N TYR A 201 -10.23 -6.49 -3.16
CA TYR A 201 -10.40 -7.30 -1.96
C TYR A 201 -10.42 -8.79 -2.31
N ALA A 202 -11.23 -9.16 -3.32
CA ALA A 202 -11.35 -10.57 -3.69
C ALA A 202 -10.03 -11.17 -4.15
N ALA A 203 -9.29 -10.44 -4.99
CA ALA A 203 -7.97 -10.90 -5.43
C ALA A 203 -6.99 -11.02 -4.26
N SER A 204 -7.11 -10.12 -3.28
CA SER A 204 -6.19 -10.17 -2.13
C SER A 204 -6.49 -11.38 -1.25
N ALA A 205 -7.78 -11.70 -1.08
CA ALA A 205 -8.14 -12.90 -0.30
C ALA A 205 -7.63 -14.15 -1.02
N ARG A 206 -7.81 -14.24 -2.34
CA ARG A 206 -7.32 -15.39 -3.07
C ARG A 206 -5.81 -15.47 -3.03
N ALA A 207 -5.13 -14.30 -3.04
CA ALA A 207 -3.66 -14.27 -3.01
C ALA A 207 -3.16 -14.90 -1.71
N PHE A 208 -3.82 -14.53 -0.60
CA PHE A 208 -3.49 -15.12 0.69
C PHE A 208 -3.63 -16.64 0.63
N GLY A 209 -4.75 -17.13 0.06
CA GLY A 209 -4.95 -18.56 -0.14
C GLY A 209 -3.81 -19.21 -0.91
N ALA A 210 -3.32 -18.50 -1.95
CA ALA A 210 -2.32 -19.06 -2.83
C ALA A 210 -0.94 -19.03 -2.21
N ALA A 211 -0.73 -18.08 -1.27
CA ALA A 211 0.56 -17.91 -0.66
C ALA A 211 0.81 -19.02 0.38
N PHE A 212 -0.28 -19.56 0.94
CA PHE A 212 -0.21 -20.58 1.98
C PHE A 212 -1.10 -21.75 1.56
N PRO A 213 -0.78 -22.42 0.42
CA PRO A 213 -1.73 -23.38 -0.17
C PRO A 213 -1.88 -24.65 0.67
N LYS A 214 -0.93 -24.88 1.57
CA LYS A 214 -0.94 -26.11 2.39
C LYS A 214 -1.57 -25.88 3.76
N ALA A 215 -1.91 -24.64 4.10
CA ALA A 215 -2.53 -24.37 5.39
C ALA A 215 -3.96 -24.89 5.41
N SER A 216 -4.32 -25.66 6.46
CA SER A 216 -5.66 -26.16 6.60
C SER A 216 -6.40 -25.49 7.76
N MET A 217 -5.65 -24.84 8.66
CA MET A 217 -6.32 -24.12 9.75
C MET A 217 -6.08 -22.63 9.50
N ILE A 218 -7.17 -21.91 9.22
CA ILE A 218 -7.08 -20.49 8.95
C ILE A 218 -7.51 -19.77 10.21
N VAL A 219 -6.57 -19.03 10.81
CA VAL A 219 -6.81 -18.23 11.99
C VAL A 219 -7.14 -16.83 11.52
N MET A 220 -8.11 -16.20 12.18
CA MET A 220 -8.47 -14.85 11.74
C MET A 220 -8.86 -14.03 12.96
N SER A 221 -9.02 -12.72 12.73
CA SER A 221 -9.09 -11.80 13.85
C SER A 221 -10.40 -11.96 14.63
N HIS A 222 -11.52 -12.28 13.96
CA HIS A 222 -12.78 -12.02 14.67
C HIS A 222 -13.67 -13.25 14.79
N SER A 223 -13.12 -14.42 14.46
CA SER A 223 -13.83 -15.68 14.61
C SER A 223 -12.86 -16.76 15.06
N ALA A 224 -13.42 -17.89 15.56
CA ALA A 224 -12.61 -19.03 15.90
C ALA A 224 -11.98 -19.57 14.61
N PRO A 225 -10.85 -20.32 14.70
CA PRO A 225 -10.20 -20.84 13.49
C PRO A 225 -11.15 -21.65 12.63
N ASP A 226 -10.97 -21.53 11.31
CA ASP A 226 -11.87 -22.16 10.36
C ASP A 226 -11.00 -22.96 9.39
N SER A 227 -11.68 -23.69 8.49
CA SER A 227 -11.03 -24.31 7.37
C SER A 227 -10.76 -23.25 6.30
N ARG A 228 -10.24 -23.71 5.17
CA ARG A 228 -9.99 -22.91 3.99
C ARG A 228 -11.27 -22.38 3.36
N ALA A 229 -12.42 -22.90 3.80
CA ALA A 229 -13.74 -22.35 3.49
C ALA A 229 -13.81 -20.84 3.77
N ALA A 230 -13.13 -20.38 4.83
CA ALA A 230 -13.13 -18.97 5.20
C ALA A 230 -12.55 -18.15 4.04
N ILE A 231 -11.53 -18.68 3.36
CA ILE A 231 -10.87 -17.93 2.28
C ILE A 231 -11.80 -17.83 1.06
N THR A 232 -12.43 -18.97 0.73
CA THR A 232 -13.33 -19.07 -0.41
C THR A 232 -14.52 -18.14 -0.18
N HIS A 233 -15.06 -18.19 1.03
CA HIS A 233 -16.24 -17.42 1.36
C HIS A 233 -15.90 -15.93 1.29
N THR A 234 -14.78 -15.55 1.91
CA THR A 234 -14.40 -14.15 1.92
C THR A 234 -14.27 -13.64 0.49
N ALA A 235 -13.59 -14.44 -0.35
CA ALA A 235 -13.38 -14.00 -1.73
C ALA A 235 -14.70 -13.88 -2.48
N ARG A 236 -15.61 -14.84 -2.25
CA ARG A 236 -16.90 -14.76 -2.90
C ARG A 236 -17.68 -13.52 -2.46
N MET A 237 -17.70 -13.20 -1.16
CA MET A 237 -18.40 -12.00 -0.72
C MET A 237 -17.76 -10.76 -1.35
N ALA A 238 -16.42 -10.78 -1.45
CA ALA A 238 -15.68 -9.63 -1.98
C ALA A 238 -15.96 -9.46 -3.47
N ASP A 239 -16.06 -10.57 -4.22
CA ASP A 239 -16.48 -10.58 -5.61
C ASP A 239 -17.70 -9.66 -5.80
N LYS A 240 -18.63 -9.66 -4.83
CA LYS A 240 -19.90 -8.94 -4.99
C LYS A 240 -19.78 -7.46 -4.68
N LEU A 241 -18.64 -7.03 -4.09
CA LEU A 241 -18.40 -5.63 -3.83
C LEU A 241 -17.92 -4.89 -5.09
N ARG A 242 -17.62 -5.62 -6.17
CA ARG A 242 -17.03 -5.00 -7.34
C ARG A 242 -18.14 -4.28 -8.16
N THR B 13 0.72 28.17 -28.10
CA THR B 13 0.79 28.69 -26.71
C THR B 13 2.13 28.31 -26.09
N GLY B 14 3.12 28.00 -26.93
CA GLY B 14 4.33 27.32 -26.47
C GLY B 14 4.21 25.80 -26.53
N ASP B 15 2.98 25.27 -26.69
CA ASP B 15 2.73 23.86 -26.85
C ASP B 15 3.17 23.41 -28.25
N GLN B 16 3.83 22.26 -28.32
CA GLN B 16 4.23 21.68 -29.58
C GLN B 16 3.39 20.43 -29.83
N ARG B 17 2.72 20.37 -30.97
CA ARG B 17 2.03 19.14 -31.29
C ARG B 17 3.00 18.22 -32.02
N PHE B 18 2.98 16.93 -31.66
CA PHE B 18 3.81 15.94 -32.31
C PHE B 18 2.97 14.70 -32.53
N GLY B 19 2.57 14.49 -33.78
CA GLY B 19 1.53 13.49 -34.02
C GLY B 19 0.28 13.86 -33.23
N ASP B 20 -0.21 12.90 -32.45
CA ASP B 20 -1.39 13.08 -31.61
C ASP B 20 -1.01 13.46 -30.19
N LEU B 21 0.27 13.74 -29.92
CA LEU B 21 0.67 14.15 -28.58
C LEU B 21 0.94 15.66 -28.53
N VAL B 22 0.95 16.21 -27.30
CA VAL B 22 1.28 17.61 -27.07
C VAL B 22 2.41 17.63 -26.05
N PHE B 23 3.39 18.51 -26.27
CA PHE B 23 4.51 18.73 -25.37
C PHE B 23 4.56 20.22 -25.00
N ARG B 24 4.75 20.46 -23.71
CA ARG B 24 4.81 21.83 -23.21
C ARG B 24 6.07 21.96 -22.37
N GLN B 25 6.94 22.90 -22.75
CA GLN B 25 8.10 23.13 -21.88
C GLN B 25 7.69 23.87 -20.60
N LEU B 26 8.06 23.34 -19.42
CA LEU B 26 7.68 23.94 -18.13
C LEU B 26 8.85 24.71 -17.49
N ALA B 27 10.08 24.34 -17.83
CA ALA B 27 11.27 24.89 -17.22
C ALA B 27 12.39 24.49 -18.16
N PRO B 28 13.60 25.07 -17.99
CA PRO B 28 14.67 24.76 -18.93
C PRO B 28 14.90 23.26 -19.19
N ASN B 29 14.74 22.45 -18.17
CA ASN B 29 15.04 21.04 -18.33
C ASN B 29 13.81 20.16 -18.09
N VAL B 30 12.60 20.72 -18.16
CA VAL B 30 11.41 19.95 -17.85
C VAL B 30 10.32 20.20 -18.88
N TRP B 31 9.70 19.11 -19.37
CA TRP B 31 8.55 19.22 -20.26
C TRP B 31 7.40 18.36 -19.75
N GLN B 32 6.18 18.79 -20.08
CA GLN B 32 5.02 17.97 -19.83
C GLN B 32 4.65 17.27 -21.13
N HIS B 33 4.44 15.94 -21.08
CA HIS B 33 3.85 15.23 -22.20
C HIS B 33 2.34 15.03 -21.98
N THR B 34 1.57 15.13 -23.07
CA THR B 34 0.12 14.90 -22.96
C THR B 34 -0.33 13.98 -24.09
N SER B 35 -1.13 12.99 -23.73
CA SER B 35 -1.70 12.03 -24.67
C SER B 35 -3.20 11.94 -24.40
N TYR B 36 -3.95 11.53 -25.43
CA TYR B 36 -5.40 11.57 -25.31
C TYR B 36 -6.01 10.22 -25.65
N LEU B 37 -7.12 9.92 -24.96
CA LEU B 37 -7.86 8.71 -25.25
C LEU B 37 -9.34 9.06 -25.38
N ASP B 38 -9.98 8.56 -26.45
CA ASP B 38 -11.42 8.73 -26.55
C ASP B 38 -12.07 7.75 -25.60
N MET B 39 -13.06 8.24 -24.83
CA MET B 39 -13.82 7.40 -23.95
C MET B 39 -15.28 7.41 -24.41
N PRO B 40 -16.12 6.45 -23.95
CA PRO B 40 -17.53 6.38 -24.34
C PRO B 40 -18.29 7.61 -23.83
N GLY B 41 -18.85 8.39 -24.77
CA GLY B 41 -19.64 9.56 -24.40
C GLY B 41 -18.80 10.79 -24.08
N PHE B 42 -17.48 10.62 -24.03
CA PHE B 42 -16.57 11.78 -23.80
C PHE B 42 -15.27 11.57 -24.58
N GLY B 43 -15.01 12.41 -25.56
CA GLY B 43 -13.81 12.19 -26.39
C GLY B 43 -12.57 12.91 -25.95
N ALA B 44 -11.41 12.44 -26.38
CA ALA B 44 -10.12 13.09 -26.09
C ALA B 44 -9.91 13.41 -24.61
N VAL B 45 -9.84 12.41 -23.78
CA VAL B 45 -9.44 12.61 -22.36
C VAL B 45 -7.92 12.72 -22.25
N ALA B 46 -7.42 13.81 -21.69
CA ALA B 46 -5.97 14.03 -21.62
C ALA B 46 -5.35 13.35 -20.40
N SER B 47 -4.10 12.90 -20.56
CA SER B 47 -3.29 12.45 -19.43
C SER B 47 -1.90 13.05 -19.60
N ASN B 48 -1.36 13.61 -18.51
CA ASN B 48 -0.07 14.28 -18.55
C ASN B 48 0.96 13.48 -17.78
N GLY B 49 2.21 13.49 -18.30
CA GLY B 49 3.41 13.05 -17.58
C GLY B 49 4.52 14.09 -17.75
N LEU B 50 5.72 13.72 -17.34
CA LEU B 50 6.86 14.62 -17.40
C LEU B 50 8.04 13.98 -18.13
N ILE B 51 8.86 14.87 -18.72
CA ILE B 51 10.14 14.50 -19.30
C ILE B 51 11.14 15.45 -18.66
N VAL B 52 12.24 14.87 -18.14
CA VAL B 52 13.26 15.67 -17.46
C VAL B 52 14.61 15.39 -18.13
N ARG B 53 15.29 16.48 -18.53
CA ARG B 53 16.71 16.39 -18.92
C ARG B 53 17.61 16.62 -17.70
N ASP B 54 18.43 15.60 -17.43
CA ASP B 54 19.37 15.56 -16.32
C ASP B 54 20.76 15.30 -16.91
N GLY B 55 21.46 16.39 -17.20
CA GLY B 55 22.79 16.34 -17.80
C GLY B 55 22.72 15.68 -19.17
N GLY B 56 23.34 14.51 -19.28
CA GLY B 56 23.42 13.84 -20.57
C GLY B 56 22.39 12.73 -20.74
N ARG B 57 21.30 12.76 -19.95
CA ARG B 57 20.31 11.68 -20.03
C ARG B 57 18.92 12.27 -19.80
N VAL B 58 17.89 11.52 -20.21
CA VAL B 58 16.50 11.96 -20.04
C VAL B 58 15.81 10.96 -19.12
N LEU B 59 14.94 11.46 -18.23
CA LEU B 59 14.13 10.67 -17.32
C LEU B 59 12.66 10.94 -17.65
N VAL B 60 11.83 9.89 -17.66
CA VAL B 60 10.42 10.09 -17.96
C VAL B 60 9.61 9.73 -16.70
N VAL B 61 8.56 10.49 -16.45
CA VAL B 61 7.55 10.15 -15.45
C VAL B 61 6.25 9.86 -16.19
N ASP B 62 5.77 8.63 -16.07
CA ASP B 62 4.50 8.12 -16.60
C ASP B 62 4.57 7.83 -18.10
N THR B 63 3.82 6.79 -18.49
CA THR B 63 3.71 6.52 -19.92
C THR B 63 2.55 7.36 -20.45
N ALA B 64 2.27 7.25 -21.78
CA ALA B 64 1.00 7.70 -22.30
C ALA B 64 -0.05 6.59 -22.16
N TRP B 65 -1.28 6.83 -22.62
CA TRP B 65 -2.32 5.82 -22.47
C TRP B 65 -1.97 4.51 -23.19
N THR B 66 -1.27 4.59 -24.32
CA THR B 66 -1.05 3.36 -25.09
C THR B 66 0.42 3.22 -25.46
N ASP B 67 0.80 2.00 -25.87
CA ASP B 67 2.15 1.74 -26.38
C ASP B 67 2.49 2.63 -27.58
N ASP B 68 1.54 2.74 -28.54
CA ASP B 68 1.86 3.54 -29.72
C ASP B 68 2.14 5.00 -29.34
N GLN B 69 1.34 5.55 -28.41
CA GLN B 69 1.58 6.92 -27.97
C GLN B 69 2.90 7.04 -27.23
N THR B 70 3.24 6.04 -26.42
CA THR B 70 4.47 6.11 -25.62
C THR B 70 5.68 6.04 -26.56
N ALA B 71 5.52 5.30 -27.65
CA ALA B 71 6.62 5.25 -28.63
C ALA B 71 6.81 6.63 -29.27
N GLN B 72 5.71 7.36 -29.48
CA GLN B 72 5.80 8.74 -29.96
C GLN B 72 6.48 9.66 -28.96
N ILE B 73 6.33 9.40 -27.65
CA ILE B 73 7.06 10.23 -26.72
C ILE B 73 8.57 10.03 -26.94
N LEU B 74 8.97 8.76 -27.12
CA LEU B 74 10.40 8.48 -27.28
C LEU B 74 10.89 9.11 -28.59
N ASN B 75 10.03 9.10 -29.62
CA ASN B 75 10.41 9.74 -30.89
C ASN B 75 10.60 11.25 -30.73
N TRP B 76 9.71 11.88 -30.00
CA TRP B 76 9.82 13.31 -29.70
C TRP B 76 11.12 13.57 -28.94
N ILE B 77 11.45 12.75 -27.94
CA ILE B 77 12.67 13.00 -27.17
C ILE B 77 13.88 12.93 -28.11
N LYS B 78 13.87 11.96 -29.02
CA LYS B 78 15.02 11.77 -29.90
C LYS B 78 15.19 13.04 -30.73
N GLN B 79 14.08 13.56 -31.21
CA GLN B 79 14.12 14.72 -32.09
C GLN B 79 14.46 16.00 -31.35
N GLU B 80 13.86 16.26 -30.18
CA GLU B 80 13.90 17.59 -29.58
C GLU B 80 15.02 17.68 -28.57
N ILE B 81 15.39 16.54 -27.96
CA ILE B 81 16.40 16.54 -26.93
C ILE B 81 17.66 15.79 -27.37
N ASN B 82 17.48 14.62 -27.99
CA ASN B 82 18.58 13.88 -28.59
C ASN B 82 19.58 13.46 -27.52
N LEU B 83 19.05 12.98 -26.37
CA LEU B 83 19.83 12.32 -25.35
C LEU B 83 19.14 11.01 -25.01
N PRO B 84 19.89 9.99 -24.53
CA PRO B 84 19.31 8.68 -24.22
C PRO B 84 18.33 8.77 -23.04
N VAL B 85 17.23 7.99 -23.12
CA VAL B 85 16.31 7.91 -22.00
C VAL B 85 16.87 6.85 -21.06
N ALA B 86 17.24 7.25 -19.83
CA ALA B 86 17.88 6.32 -18.90
C ALA B 86 16.87 5.51 -18.09
N LEU B 87 15.70 6.08 -17.77
CA LEU B 87 14.78 5.35 -16.92
C LEU B 87 13.43 6.07 -16.95
N ALA B 88 12.42 5.31 -16.55
CA ALA B 88 11.07 5.88 -16.38
C ALA B 88 10.55 5.46 -15.02
N VAL B 89 9.75 6.34 -14.40
CA VAL B 89 9.03 6.04 -13.17
C VAL B 89 7.53 6.17 -13.49
N VAL B 90 6.74 5.18 -13.06
CA VAL B 90 5.32 5.28 -13.34
C VAL B 90 4.57 5.36 -12.01
N THR B 91 3.46 6.12 -11.99
CA THR B 91 2.98 6.63 -10.71
C THR B 91 1.79 5.87 -10.12
N HIS B 92 1.11 5.05 -10.91
CA HIS B 92 0.21 4.03 -10.35
C HIS B 92 -0.24 3.09 -11.46
N ALA B 93 -0.82 1.95 -11.08
CA ALA B 93 -1.12 0.88 -12.04
C ALA B 93 -2.47 1.03 -12.72
N HIS B 94 -2.66 2.13 -13.48
CA HIS B 94 -3.86 2.25 -14.30
C HIS B 94 -3.37 2.66 -15.69
N GLN B 95 -4.26 2.61 -16.68
N GLN B 95 -4.29 2.61 -16.66
CA GLN B 95 -3.81 2.69 -18.07
CA GLN B 95 -3.97 2.74 -18.07
C GLN B 95 -3.19 4.07 -18.41
C GLN B 95 -3.23 4.04 -18.40
N ASP B 96 -3.67 5.14 -17.78
CA ASP B 96 -3.19 6.46 -18.18
C ASP B 96 -1.72 6.63 -17.79
N LYS B 97 -1.28 5.90 -16.76
CA LYS B 97 0.10 6.03 -16.30
C LYS B 97 1.00 4.85 -16.69
N MET B 98 0.41 3.65 -16.91
CA MET B 98 1.20 2.47 -17.20
C MET B 98 0.78 1.78 -18.50
N GLY B 99 -0.11 2.41 -19.28
CA GLY B 99 -0.62 1.77 -20.50
C GLY B 99 0.46 1.54 -21.57
N GLY B 100 1.56 2.28 -21.51
CA GLY B 100 2.58 2.24 -22.56
C GLY B 100 3.88 1.57 -22.13
N MET B 101 3.85 0.67 -21.14
CA MET B 101 5.07 0.12 -20.59
C MET B 101 5.82 -0.69 -21.67
N ASP B 102 5.11 -1.44 -22.51
CA ASP B 102 5.80 -2.21 -23.54
C ASP B 102 6.67 -1.35 -24.45
N ALA B 103 6.24 -0.13 -24.79
CA ALA B 103 7.09 0.72 -25.62
C ALA B 103 8.42 1.03 -24.92
N LEU B 104 8.40 1.24 -23.60
CA LEU B 104 9.64 1.50 -22.89
C LEU B 104 10.53 0.25 -22.85
N HIS B 105 9.89 -0.88 -22.53
CA HIS B 105 10.68 -2.10 -22.44
C HIS B 105 11.23 -2.47 -23.84
N ALA B 106 10.45 -2.24 -24.91
CA ALA B 106 10.92 -2.57 -26.25
C ALA B 106 12.21 -1.81 -26.57
N ALA B 107 12.32 -0.60 -26.02
CA ALA B 107 13.44 0.29 -26.23
C ALA B 107 14.54 0.04 -25.19
N GLY B 108 14.37 -0.95 -24.31
CA GLY B 108 15.39 -1.25 -23.32
C GLY B 108 15.53 -0.21 -22.19
N ILE B 109 14.45 0.53 -21.93
CA ILE B 109 14.47 1.55 -20.88
C ILE B 109 14.11 0.90 -19.54
N ALA B 110 14.93 1.16 -18.51
CA ALA B 110 14.70 0.65 -17.16
C ALA B 110 13.47 1.34 -16.58
N THR B 111 12.51 0.58 -16.04
CA THR B 111 11.29 1.17 -15.52
C THR B 111 11.18 0.85 -14.04
N TYR B 112 10.60 1.81 -13.31
CA TYR B 112 10.44 1.73 -11.86
C TYR B 112 9.00 2.07 -11.53
N ALA B 113 8.48 1.35 -10.51
CA ALA B 113 7.18 1.67 -9.96
C ALA B 113 7.17 1.25 -8.50
N ASN B 114 6.22 1.80 -7.73
CA ASN B 114 6.00 1.28 -6.39
C ASN B 114 5.87 -0.25 -6.49
N ALA B 115 6.47 -0.97 -5.54
CA ALA B 115 6.26 -2.41 -5.47
C ALA B 115 4.79 -2.78 -5.56
N LEU B 116 3.92 -2.05 -4.82
CA LEU B 116 2.49 -2.36 -4.86
C LEU B 116 1.91 -2.16 -6.25
N SER B 117 2.32 -1.10 -6.97
CA SER B 117 1.89 -0.99 -8.36
C SER B 117 2.26 -2.25 -9.16
N ASN B 118 3.49 -2.75 -9.04
CA ASN B 118 3.91 -3.93 -9.78
C ASN B 118 3.07 -5.14 -9.35
N GLN B 119 2.72 -5.18 -8.07
CA GLN B 119 1.88 -6.28 -7.55
C GLN B 119 0.49 -6.23 -8.16
N LEU B 120 -0.08 -5.01 -8.26
CA LEU B 120 -1.44 -4.82 -8.77
C LEU B 120 -1.49 -4.88 -10.30
N ALA B 121 -0.37 -4.67 -10.99
CA ALA B 121 -0.40 -4.48 -12.45
C ALA B 121 -1.13 -5.62 -13.16
N PRO B 122 -0.82 -6.90 -12.90
CA PRO B 122 -1.56 -8.01 -13.53
C PRO B 122 -3.09 -7.96 -13.40
N GLN B 123 -3.61 -7.69 -12.18
N GLN B 123 -3.57 -7.67 -12.19
CA GLN B 123 -5.04 -7.58 -11.96
CA GLN B 123 -4.99 -7.55 -11.90
C GLN B 123 -5.62 -6.39 -12.73
C GLN B 123 -5.60 -6.40 -12.71
N GLU B 124 -4.77 -5.41 -13.07
CA GLU B 124 -5.23 -4.21 -13.76
C GLU B 124 -5.02 -4.32 -15.26
N GLY B 125 -4.45 -5.41 -15.76
CA GLY B 125 -4.21 -5.57 -17.17
C GLY B 125 -3.03 -4.72 -17.64
N MET B 126 -2.14 -4.34 -16.71
CA MET B 126 -0.94 -3.54 -17.03
C MET B 126 0.28 -4.45 -16.98
N VAL B 127 1.28 -4.10 -17.79
CA VAL B 127 2.61 -4.70 -17.70
C VAL B 127 3.38 -4.07 -16.54
N ALA B 128 3.93 -4.92 -15.66
CA ALA B 128 4.67 -4.41 -14.50
C ALA B 128 5.96 -3.74 -14.95
N ALA B 129 6.45 -2.84 -14.09
CA ALA B 129 7.74 -2.24 -14.33
C ALA B 129 8.81 -3.27 -14.01
N GLN B 130 10.02 -2.98 -14.49
CA GLN B 130 11.10 -3.94 -14.29
C GLN B 130 11.64 -3.92 -12.87
N HIS B 131 11.49 -2.80 -12.15
CA HIS B 131 12.09 -2.60 -10.85
C HIS B 131 11.00 -2.08 -9.91
N SER B 132 11.10 -2.45 -8.63
CA SER B 132 10.18 -2.01 -7.60
C SER B 132 10.83 -0.99 -6.67
N LEU B 133 10.06 0.05 -6.31
CA LEU B 133 10.44 1.03 -5.30
C LEU B 133 9.80 0.67 -3.99
N THR B 134 10.55 0.81 -2.90
CA THR B 134 9.86 0.71 -1.61
C THR B 134 10.04 2.01 -0.85
N PHE B 135 9.22 2.18 0.19
CA PHE B 135 9.17 3.46 0.86
C PHE B 135 9.33 3.28 2.36
N ALA B 136 9.96 4.29 2.99
CA ALA B 136 10.00 4.38 4.44
C ALA B 136 8.63 4.75 5.03
N ALA B 137 8.49 4.66 6.36
CA ALA B 137 7.26 4.98 7.07
C ALA B 137 6.92 6.46 6.92
N ASN B 138 7.91 7.28 6.58
CA ASN B 138 7.65 8.71 6.40
C ASN B 138 7.29 9.03 4.96
N GLY B 139 7.18 8.01 4.09
CA GLY B 139 6.77 8.29 2.72
C GLY B 139 7.92 8.37 1.72
N TRP B 140 9.13 8.70 2.17
CA TRP B 140 10.23 8.86 1.22
C TRP B 140 10.71 7.54 0.67
N VAL B 141 11.10 7.56 -0.60
CA VAL B 141 11.57 6.34 -1.24
C VAL B 141 12.84 5.86 -0.52
N GLU B 142 12.98 4.53 -0.36
CA GLU B 142 14.20 3.97 0.20
C GLU B 142 15.31 4.17 -0.83
N PRO B 143 16.41 4.88 -0.48
CA PRO B 143 17.50 5.17 -1.43
C PRO B 143 18.05 3.94 -2.14
N ALA B 144 18.08 2.80 -1.43
CA ALA B 144 18.65 1.62 -2.05
C ALA B 144 17.82 1.18 -3.26
N THR B 145 16.54 1.60 -3.31
CA THR B 145 15.67 1.14 -4.39
C THR B 145 15.61 2.14 -5.54
N ALA B 146 16.12 3.36 -5.34
CA ALA B 146 16.04 4.44 -6.32
C ALA B 146 17.36 5.16 -6.38
N PRO B 147 18.45 4.41 -6.64
CA PRO B 147 19.75 5.03 -6.82
C PRO B 147 19.75 5.68 -8.19
N ASN B 148 20.53 6.75 -8.28
CA ASN B 148 20.77 7.35 -9.59
C ASN B 148 19.47 7.87 -10.21
N PHE B 149 18.54 8.35 -9.38
CA PHE B 149 17.31 8.94 -9.92
C PHE B 149 17.52 10.41 -10.26
N GLY B 150 18.74 10.91 -10.03
CA GLY B 150 18.98 12.29 -10.45
C GLY B 150 18.07 13.24 -9.70
N PRO B 151 17.42 14.17 -10.42
CA PRO B 151 16.53 15.13 -9.77
C PRO B 151 15.16 14.58 -9.36
N LEU B 152 14.81 13.32 -9.71
CA LEU B 152 13.49 12.85 -9.33
C LEU B 152 13.51 12.45 -7.87
N LYS B 153 12.65 13.07 -7.08
CA LYS B 153 12.53 12.84 -5.66
C LYS B 153 11.17 12.18 -5.47
N VAL B 154 11.18 10.88 -5.18
CA VAL B 154 9.92 10.11 -5.24
C VAL B 154 9.36 10.00 -3.81
N PHE B 155 8.06 10.25 -3.68
CA PHE B 155 7.42 10.26 -2.38
C PHE B 155 6.10 9.51 -2.49
N TYR B 156 5.85 8.60 -1.55
CA TYR B 156 4.56 7.92 -1.45
C TYR B 156 3.76 8.62 -0.37
N PRO B 157 2.64 9.31 -0.71
CA PRO B 157 1.93 10.12 0.28
C PRO B 157 0.91 9.38 1.12
N GLY B 158 0.69 8.12 0.75
CA GLY B 158 -0.36 7.35 1.36
C GLY B 158 -1.43 7.09 0.31
N PRO B 159 -2.39 6.24 0.67
CA PRO B 159 -3.46 5.85 -0.26
C PRO B 159 -4.36 7.04 -0.52
N GLY B 160 -4.83 7.10 -1.77
CA GLY B 160 -5.73 8.20 -2.09
C GLY B 160 -6.55 7.86 -3.32
N HIS B 161 -6.10 8.26 -4.53
CA HIS B 161 -6.79 7.83 -5.74
C HIS B 161 -6.74 6.32 -5.84
N THR B 162 -5.58 5.74 -5.53
CA THR B 162 -5.40 4.30 -5.39
C THR B 162 -4.50 4.01 -4.19
N SER B 163 -4.33 2.73 -3.83
CA SER B 163 -3.48 2.43 -2.68
C SER B 163 -2.02 2.68 -3.01
N ASP B 164 -1.71 2.61 -4.32
CA ASP B 164 -0.30 2.55 -4.70
C ASP B 164 0.21 3.90 -5.19
N ASN B 165 -0.62 4.93 -5.30
CA ASN B 165 -0.22 6.12 -6.03
C ASN B 165 1.04 6.78 -5.43
N ILE B 166 2.00 7.19 -6.30
CA ILE B 166 3.18 7.92 -5.82
C ILE B 166 3.28 9.26 -6.55
N THR B 167 4.18 10.11 -6.01
CA THR B 167 4.36 11.47 -6.49
C THR B 167 5.84 11.71 -6.68
N VAL B 168 6.18 12.77 -7.43
CA VAL B 168 7.57 12.99 -7.77
C VAL B 168 7.82 14.49 -7.77
N GLY B 169 8.83 14.92 -7.01
CA GLY B 169 9.32 16.28 -7.08
C GLY B 169 10.55 16.33 -7.99
N ILE B 170 10.73 17.47 -8.67
CA ILE B 170 11.88 17.64 -9.55
C ILE B 170 12.88 18.59 -8.88
N ASP B 171 13.95 18.04 -8.32
CA ASP B 171 14.91 18.88 -7.63
C ASP B 171 15.48 19.95 -8.56
N GLY B 172 15.70 21.12 -7.94
CA GLY B 172 16.28 22.27 -8.61
C GLY B 172 15.28 23.03 -9.47
N THR B 173 14.01 22.63 -9.41
CA THR B 173 12.97 23.36 -10.13
C THR B 173 11.88 23.67 -9.12
N ASP B 174 10.91 24.44 -9.52
CA ASP B 174 9.88 24.63 -8.51
C ASP B 174 8.70 23.69 -8.80
N ILE B 175 8.98 22.52 -9.39
CA ILE B 175 7.90 21.66 -9.92
C ILE B 175 7.75 20.41 -9.07
N ALA B 176 6.50 20.03 -8.74
CA ALA B 176 6.25 18.72 -8.16
C ALA B 176 5.06 18.11 -8.89
N PHE B 177 5.11 16.80 -9.07
CA PHE B 177 4.09 16.10 -9.85
C PHE B 177 3.26 15.25 -8.92
N GLY B 178 1.96 15.61 -8.87
CA GLY B 178 1.06 14.88 -7.99
C GLY B 178 0.37 13.71 -8.70
N GLY B 179 0.67 13.48 -9.99
CA GLY B 179 0.00 12.39 -10.67
C GLY B 179 -1.53 12.53 -10.60
N CYS B 180 -2.23 11.42 -10.38
CA CYS B 180 -3.67 11.52 -10.43
C CYS B 180 -4.24 11.71 -9.03
N LEU B 181 -3.39 11.83 -7.99
CA LEU B 181 -3.86 12.14 -6.64
C LEU B 181 -4.37 13.59 -6.55
N ILE B 182 -3.72 14.51 -7.24
CA ILE B 182 -4.07 15.93 -7.12
C ILE B 182 -4.88 16.35 -8.34
N LYS B 183 -5.94 17.14 -8.08
CA LYS B 183 -6.75 17.74 -9.13
C LYS B 183 -6.60 19.24 -9.04
N ASP B 184 -6.87 19.96 -10.14
CA ASP B 184 -6.60 21.39 -10.05
C ASP B 184 -7.72 22.11 -9.28
N SER B 185 -7.45 23.38 -9.01
CA SER B 185 -8.31 24.09 -8.09
C SER B 185 -9.67 24.38 -8.74
N LYS B 186 -9.82 24.04 -10.03
CA LYS B 186 -11.12 24.18 -10.70
C LYS B 186 -11.94 22.90 -10.71
N ALA B 187 -11.42 21.82 -10.14
CA ALA B 187 -12.07 20.52 -10.22
C ALA B 187 -13.34 20.53 -9.38
N LYS B 188 -14.32 19.70 -9.79
CA LYS B 188 -15.63 19.58 -9.17
C LYS B 188 -15.75 18.27 -8.37
N SER B 189 -14.89 17.29 -8.66
CA SER B 189 -14.92 16.04 -7.93
C SER B 189 -13.54 15.39 -7.99
N LEU B 190 -13.36 14.31 -7.23
CA LEU B 190 -12.09 13.58 -7.19
C LEU B 190 -12.08 12.40 -8.18
N GLY B 191 -13.03 12.36 -9.13
CA GLY B 191 -12.96 11.34 -10.16
C GLY B 191 -13.42 9.99 -9.62
N ASN B 192 -13.01 8.89 -10.25
CA ASN B 192 -13.57 7.58 -9.95
C ASN B 192 -13.00 7.06 -8.63
N LEU B 193 -13.91 6.75 -7.70
CA LEU B 193 -13.53 6.35 -6.35
C LEU B 193 -13.49 4.83 -6.19
N GLY B 194 -13.57 4.10 -7.33
CA GLY B 194 -13.56 2.65 -7.31
C GLY B 194 -12.41 2.06 -6.50
N ASP B 195 -11.20 2.58 -6.72
CA ASP B 195 -10.02 2.04 -6.06
C ASP B 195 -9.55 2.96 -4.93
N ALA B 196 -10.36 3.96 -4.58
CA ALA B 196 -9.86 5.07 -3.79
C ALA B 196 -9.99 4.77 -2.30
N ASP B 197 -9.09 5.36 -1.50
CA ASP B 197 -9.19 5.31 -0.04
C ASP B 197 -9.78 6.62 0.43
N THR B 198 -11.11 6.67 0.63
CA THR B 198 -11.76 7.94 0.96
C THR B 198 -11.45 8.39 2.38
N GLU B 199 -10.97 7.48 3.23
CA GLU B 199 -10.64 7.82 4.60
C GLU B 199 -9.30 8.59 4.65
N HIS B 200 -8.32 8.19 3.82
CA HIS B 200 -6.98 8.77 3.89
C HIS B 200 -6.68 9.79 2.81
N TYR B 201 -7.52 9.90 1.79
CA TYR B 201 -7.22 10.74 0.62
C TYR B 201 -6.79 12.16 1.05
N ALA B 202 -7.56 12.80 1.97
CA ALA B 202 -7.24 14.18 2.32
C ALA B 202 -5.85 14.25 2.92
N ALA B 203 -5.55 13.32 3.85
CA ALA B 203 -4.25 13.35 4.46
C ALA B 203 -3.13 13.08 3.46
N SER B 204 -3.38 12.21 2.49
CA SER B 204 -2.36 11.90 1.49
C SER B 204 -2.10 13.12 0.61
N ALA B 205 -3.15 13.85 0.25
CA ALA B 205 -2.96 15.08 -0.53
C ALA B 205 -2.14 16.10 0.28
N ARG B 206 -2.44 16.21 1.58
CA ARG B 206 -1.68 17.16 2.41
C ARG B 206 -0.26 16.69 2.58
N ALA B 207 -0.07 15.36 2.67
CA ALA B 207 1.31 14.86 2.82
C ALA B 207 2.16 15.20 1.59
N PHE B 208 1.57 15.12 0.40
CA PHE B 208 2.27 15.49 -0.82
C PHE B 208 2.71 16.97 -0.72
N GLY B 209 1.82 17.83 -0.25
CA GLY B 209 2.17 19.24 -0.12
C GLY B 209 3.34 19.43 0.86
N ALA B 210 3.30 18.72 1.99
CA ALA B 210 4.33 18.92 3.01
C ALA B 210 5.65 18.32 2.56
N ALA B 211 5.60 17.30 1.67
CA ALA B 211 6.83 16.67 1.17
C ALA B 211 7.63 17.60 0.27
N PHE B 212 6.92 18.51 -0.42
CA PHE B 212 7.54 19.35 -1.43
C PHE B 212 7.21 20.82 -1.15
N PRO B 213 7.66 21.35 0.01
CA PRO B 213 7.24 22.70 0.41
C PRO B 213 7.78 23.80 -0.53
N LYS B 214 8.83 23.55 -1.30
CA LYS B 214 9.35 24.56 -2.19
C LYS B 214 8.61 24.58 -3.53
N ALA B 215 7.68 23.64 -3.80
CA ALA B 215 7.14 23.56 -5.16
C ALA B 215 6.05 24.63 -5.35
N SER B 216 6.14 25.38 -6.44
CA SER B 216 5.11 26.38 -6.69
C SER B 216 4.32 26.04 -7.95
N MET B 217 4.84 25.12 -8.75
CA MET B 217 4.09 24.68 -9.92
C MET B 217 3.78 23.20 -9.73
N ILE B 218 2.49 22.92 -9.62
CA ILE B 218 2.00 21.59 -9.35
C ILE B 218 1.49 21.05 -10.68
N VAL B 219 2.15 19.98 -11.16
CA VAL B 219 1.75 19.34 -12.39
C VAL B 219 0.93 18.12 -11.99
N MET B 220 -0.12 17.86 -12.77
CA MET B 220 -0.99 16.76 -12.40
C MET B 220 -1.46 16.06 -13.67
N SER B 221 -2.08 14.88 -13.49
CA SER B 221 -2.34 14.07 -14.67
C SER B 221 -3.41 14.67 -15.57
N HIS B 222 -4.43 15.37 -15.02
CA HIS B 222 -5.61 15.60 -15.86
C HIS B 222 -6.02 17.06 -15.91
N SER B 223 -5.14 17.96 -15.47
CA SER B 223 -5.36 19.39 -15.61
C SER B 223 -4.03 20.03 -16.02
N ALA B 224 -4.11 21.26 -16.56
CA ALA B 224 -2.91 22.05 -16.82
C ALA B 224 -2.25 22.34 -15.48
N PRO B 225 -0.93 22.65 -15.46
CA PRO B 225 -0.27 22.96 -14.20
C PRO B 225 -1.00 24.05 -13.41
N ASP B 226 -1.00 23.91 -12.08
CA ASP B 226 -1.65 24.88 -11.20
C ASP B 226 -0.68 25.29 -10.09
N SER B 227 -1.13 26.23 -9.27
CA SER B 227 -0.37 26.62 -8.10
C SER B 227 -0.64 25.64 -6.96
N ARG B 228 -0.07 25.91 -5.80
CA ARG B 228 -0.22 25.02 -4.65
C ARG B 228 -1.67 24.96 -4.17
N ALA B 229 -2.53 25.88 -4.63
CA ALA B 229 -3.94 25.78 -4.27
C ALA B 229 -4.57 24.48 -4.78
N ALA B 230 -4.02 23.86 -5.84
CA ALA B 230 -4.52 22.56 -6.28
C ALA B 230 -4.43 21.52 -5.15
N ILE B 231 -3.35 21.57 -4.37
CA ILE B 231 -3.21 20.58 -3.30
C ILE B 231 -4.26 20.81 -2.22
N THR B 232 -4.37 22.06 -1.75
CA THR B 232 -5.28 22.33 -0.66
C THR B 232 -6.73 22.16 -1.10
N HIS B 233 -7.07 22.58 -2.33
CA HIS B 233 -8.40 22.35 -2.86
C HIS B 233 -8.73 20.87 -2.91
N THR B 234 -7.77 20.05 -3.37
CA THR B 234 -7.99 18.62 -3.45
C THR B 234 -8.26 18.06 -2.06
N ALA B 235 -7.42 18.47 -1.10
CA ALA B 235 -7.56 17.94 0.25
C ALA B 235 -8.92 18.35 0.83
N ARG B 236 -9.33 19.60 0.56
CA ARG B 236 -10.62 20.05 1.10
C ARG B 236 -11.80 19.29 0.47
N MET B 237 -11.70 18.97 -0.81
CA MET B 237 -12.73 18.12 -1.43
C MET B 237 -12.74 16.74 -0.78
N ALA B 238 -11.55 16.22 -0.52
CA ALA B 238 -11.42 14.89 0.06
C ALA B 238 -11.90 14.86 1.49
N ASP B 239 -11.82 16.00 2.20
CA ASP B 239 -12.27 16.08 3.58
C ASP B 239 -13.75 15.72 3.65
N LYS B 240 -14.48 16.09 2.61
CA LYS B 240 -15.94 15.89 2.59
C LYS B 240 -16.32 14.43 2.40
N LEU B 241 -15.34 13.55 2.13
CA LEU B 241 -15.60 12.14 1.82
C LEU B 241 -15.44 11.25 3.05
N ARG B 242 -14.91 11.79 4.16
CA ARG B 242 -14.64 10.94 5.32
C ARG B 242 -15.91 10.77 6.18
ZN ZN C . -9.20 -2.63 10.61
ZN ZN D . -10.13 -6.56 12.87
CA CA E . -1.27 3.45 24.22
C4 ORL F . -16.98 -5.82 14.95
C14 ORL F . -13.69 0.66 18.27
C5 ORL F . -15.82 -5.19 14.52
C6 ORL F . -14.95 -5.86 13.65
C11 ORL F . -13.41 -1.96 15.58
C7 ORL F . -13.74 -5.19 13.17
C8 ORL F . -11.25 -3.86 12.29
C9 ORL F . -11.66 -2.38 13.84
C10 ORL F . -12.20 -1.64 14.98
C12 ORL F . -13.88 -1.21 16.65
C13 ORL F . -13.15 -0.13 17.12
N1 ORL F . -13.04 -4.46 13.93
N2 ORL F . -12.07 -3.61 13.37
C3 ORL F . -17.27 -7.11 14.52
N3 ORL F . -10.50 -2.82 12.09
O1 ORL F . -16.30 -9.45 12.01
C1 ORL F . -16.73 -9.15 13.15
O2 ORL F . -17.45 -9.88 13.86
C2 ORL F . -16.39 -7.79 13.68
S1 ORL F . -11.30 -5.32 11.35
N4 ORL F . -10.76 -1.89 13.05
F1 ORL F . -12.78 1.02 19.11
F2 ORL F . -14.57 0.00 18.97
F3 ORL F . -14.28 1.77 17.88
C15 ORL F . -11.94 0.19 16.55
C16 ORL F . -11.48 -0.55 15.47
C17 ORL F . -15.27 -7.13 13.21
N1 EPE G . -1.97 -23.79 34.35
C2 EPE G . -1.92 -22.38 34.77
C3 EPE G . -0.71 -22.14 35.66
N4 EPE G . 0.55 -22.54 35.03
C5 EPE G . 0.44 -23.92 34.52
C6 EPE G . -0.75 -24.12 33.64
C7 EPE G . 1.64 -22.54 35.99
C8 EPE G . 2.39 -21.25 36.13
O8 EPE G . 1.64 -20.40 36.97
C9 EPE G . -3.15 -24.15 33.58
C10 EPE G . -3.05 -25.62 33.25
S EPE G . -2.86 -26.53 34.74
O1S EPE G . -3.68 -25.85 35.72
O2S EPE G . -1.40 -26.50 35.17
O3S EPE G . -3.22 -27.89 34.49
OH2 1PE H . -17.35 1.81 21.65
C12 1PE H . -16.43 1.19 22.51
C22 1PE H . -16.98 1.05 23.90
OH3 1PE H . -16.03 1.53 24.87
C13 1PE H . -16.17 -0.36 26.27
C23 1PE H . -15.28 0.46 25.43
OH4 1PE H . -15.54 -0.58 27.53
C14 1PE H . -14.61 -2.69 26.95
C24 1PE H . -15.54 -1.96 27.90
OH5 1PE H . -13.27 -2.47 27.41
C15 1PE H . -13.45 -4.54 28.68
C25 1PE H . -12.60 -3.68 27.77
OH6 1PE H . -13.77 -5.74 28.00
C16 1PE H . -15.83 -6.92 27.89
C26 1PE H . -14.62 -6.62 28.73
OH7 1PE H . -16.88 -7.40 28.71
ZN ZN I . -6.04 5.60 -11.76
ZN ZN J . -5.26 9.48 -14.06
C4 ORL K . -9.26 12.11 -17.55
C14 ORL K . -10.33 3.61 -19.95
C5 ORL K . -9.08 10.88 -16.95
C6 ORL K . -9.47 10.66 -15.63
C11 ORL K . -9.68 6.09 -17.21
C7 ORL K . -9.25 9.37 -14.99
C8 ORL K . -7.36 7.35 -13.72
C9 ORL K . -8.11 6.02 -15.27
C10 ORL K . -8.70 5.42 -16.46
C12 ORL K . -10.21 5.49 -18.33
C13 ORL K . -9.76 4.24 -18.73
N1 ORL K . -8.55 8.49 -15.56
N2 ORL K . -8.06 7.34 -14.90
C3 ORL K . -9.87 13.14 -16.86
N3 ORL K . -7.05 6.13 -13.39
O1 ORL K . -11.26 13.77 -13.63
C1 ORL K . -10.85 14.04 -14.77
O2 ORL K . -10.87 15.17 -15.31
C2 ORL K . -10.26 12.94 -15.54
S1 ORL K . -6.98 8.74 -12.76
N4 ORL K . -7.51 5.29 -14.36
F1 ORL K . -11.32 4.31 -20.46
F2 ORL K . -10.78 2.41 -19.71
F3 ORL K . -9.46 3.46 -20.89
C15 ORL K . -8.77 3.56 -18.02
C16 ORL K . -8.27 4.16 -16.87
C17 ORL K . -10.06 11.70 -14.93
C1 EDO L . -2.74 19.29 -20.64
O1 EDO L . -3.78 18.40 -20.26
C2 EDO L . -2.53 20.44 -19.72
O2 EDO L . -1.59 21.41 -20.21
#